data_1PIE
#
_entry.id   1PIE
#
_cell.length_a   143.400
_cell.length_b   143.400
_cell.length_c   143.400
_cell.angle_alpha   90.00
_cell.angle_beta   90.00
_cell.angle_gamma   90.00
#
_symmetry.space_group_name_H-M   'I 2 3'
#
loop_
_entity.id
_entity.type
_entity.pdbx_description
1 polymer Galactokinase
2 non-polymer alpha-D-galactopyranose
3 non-polymer 'PHOSPHATE ION'
4 water water
#
_entity_poly.entity_id   1
_entity_poly.type   'polypeptide(L)'
_entity_poly.pdbx_seq_one_letter_code
;MGSSHHHHHHSSGLVPRGSHMSIVVENSTVLSALTEKFAEVFGDTKEVEYFFSPGRINLIGEHTDYNGGYVFPASITIGT
TGLARLREDKKVKLYSENFPKLGVIEFDLDEVEKKDGELWSNYVKGMIVMLKGAGYEIDKGFELLIKGEIPTASGLSSSA
SLELLVGVVLDDLFNLNVPRLELVQLGQKTENDYIGVNSGILDQFAIGFGEVKKAIELDCNTLKYEMVPVELRDYDIVIM
NTNKPRALTESKYNERFAETREALKRMQTRLDIQSLGELSNEEFDANTDLIGDETLIKRARHAVYENNRTKIAQKAFVAG
NLTKFGELLNASHASLKDDYEVTGLELDTLAETAQKQAGVLGARMTGAGFGGCAIALVAHDNVSAFRKAVGQVYEEVVGY
PASFYVAQIGSGSTKLDVE
;
_entity_poly.pdbx_strand_id   A
#
loop_
_chem_comp.id
_chem_comp.type
_chem_comp.name
_chem_comp.formula
GLA D-saccharide, alpha linking alpha-D-galactopyranose 'C6 H12 O6'
PO4 non-polymer 'PHOSPHATE ION' 'O4 P -3'
#
# COMPACT_ATOMS: atom_id res chain seq x y z
N THR A 29 -21.61 15.77 1.31
CA THR A 29 -21.07 16.83 0.47
C THR A 29 -20.43 16.21 -0.76
N VAL A 30 -19.18 15.80 -0.54
CA VAL A 30 -18.43 15.17 -1.59
C VAL A 30 -19.33 14.31 -2.44
N LEU A 31 -20.11 13.48 -1.79
CA LEU A 31 -20.98 12.64 -2.57
C LEU A 31 -21.88 13.47 -3.42
N SER A 32 -22.54 14.38 -2.76
CA SER A 32 -23.39 15.27 -3.47
C SER A 32 -22.67 15.65 -4.71
N ALA A 33 -21.41 16.04 -4.49
CA ALA A 33 -20.60 16.42 -5.63
C ALA A 33 -20.58 15.28 -6.66
N LEU A 34 -20.05 14.14 -6.23
CA LEU A 34 -19.95 12.95 -7.03
C LEU A 34 -21.24 12.62 -7.68
N THR A 35 -22.21 12.58 -6.80
CA THR A 35 -23.59 12.28 -7.12
C THR A 35 -24.11 13.13 -8.30
N GLU A 36 -23.90 14.43 -8.20
CA GLU A 36 -24.35 15.32 -9.24
C GLU A 36 -23.47 15.23 -10.45
N LYS A 37 -22.29 14.69 -10.24
CA LYS A 37 -21.30 14.55 -11.30
C LYS A 37 -21.56 13.34 -12.16
N PHE A 38 -22.43 12.49 -11.62
CA PHE A 38 -22.86 11.24 -12.20
C PHE A 38 -23.96 11.40 -13.24
N ALA A 39 -24.98 12.14 -12.87
CA ALA A 39 -26.02 12.31 -13.84
C ALA A 39 -25.36 12.99 -15.03
N GLU A 40 -24.62 14.06 -14.79
CA GLU A 40 -23.95 14.72 -15.91
C GLU A 40 -23.32 13.71 -16.87
N VAL A 41 -22.16 13.16 -16.45
CA VAL A 41 -21.40 12.19 -17.22
C VAL A 41 -22.25 11.03 -17.77
N PHE A 42 -23.07 10.46 -16.87
CA PHE A 42 -23.87 9.28 -17.17
C PHE A 42 -25.32 9.47 -17.42
N GLY A 43 -25.80 10.67 -17.29
CA GLY A 43 -27.20 10.94 -17.53
C GLY A 43 -28.02 10.96 -16.26
N ASP A 44 -28.54 9.80 -15.91
CA ASP A 44 -29.34 9.75 -14.71
C ASP A 44 -28.48 9.49 -13.48
N THR A 45 -29.14 8.96 -12.45
CA THR A 45 -28.66 8.52 -11.14
C THR A 45 -29.70 7.61 -10.49
N LYS A 46 -30.03 6.47 -11.10
CA LYS A 46 -31.04 5.65 -10.46
C LYS A 46 -30.49 4.32 -10.04
N GLU A 47 -30.79 3.89 -8.79
CA GLU A 47 -30.37 2.59 -8.19
C GLU A 47 -28.85 2.50 -7.90
N VAL A 48 -28.26 3.68 -8.01
CA VAL A 48 -26.86 3.86 -7.84
C VAL A 48 -26.39 3.56 -6.44
N GLU A 49 -25.17 3.10 -6.41
CA GLU A 49 -24.56 2.75 -5.18
C GLU A 49 -23.21 3.39 -4.99
N TYR A 50 -23.02 3.69 -3.73
CA TYR A 50 -21.85 4.37 -3.24
C TYR A 50 -20.85 3.43 -2.58
N PHE A 51 -19.58 3.57 -2.95
CA PHE A 51 -18.55 2.74 -2.33
C PHE A 51 -17.32 3.58 -2.01
N PHE A 52 -16.48 2.99 -1.15
CA PHE A 52 -15.23 3.61 -0.77
C PHE A 52 -14.15 2.58 -0.45
N SER A 53 -12.96 2.89 -0.89
CA SER A 53 -11.85 2.00 -0.68
C SER A 53 -10.68 2.90 -0.41
N PRO A 54 -10.14 2.70 0.75
CA PRO A 54 -9.03 3.50 1.25
C PRO A 54 -7.64 3.14 0.70
N GLY A 55 -6.68 3.91 1.22
CA GLY A 55 -5.25 3.85 0.98
C GLY A 55 -4.64 3.26 2.24
N ARG A 56 -3.34 3.19 2.36
CA ARG A 56 -2.81 2.57 3.55
C ARG A 56 -1.42 3.03 3.84
N ILE A 57 -0.99 2.76 5.04
CA ILE A 57 0.36 3.04 5.42
C ILE A 57 0.84 1.76 6.07
N ASN A 58 2.15 1.54 6.08
CA ASN A 58 2.74 0.41 6.75
C ASN A 58 3.52 0.91 7.92
N LEU A 59 3.16 0.51 9.09
CA LEU A 59 3.87 1.06 10.21
C LEU A 59 5.25 0.51 10.21
N ILE A 60 5.30 -0.76 9.88
CA ILE A 60 6.61 -1.36 9.89
C ILE A 60 6.54 -2.64 9.13
N GLY A 61 7.73 -3.16 8.79
CA GLY A 61 7.91 -4.39 8.02
C GLY A 61 7.81 -4.16 6.49
N GLU A 62 8.87 -3.58 5.91
CA GLU A 62 8.97 -3.19 4.51
C GLU A 62 9.84 -4.14 3.68
N HIS A 63 9.25 -4.55 2.55
CA HIS A 63 9.83 -5.47 1.57
C HIS A 63 10.02 -6.84 2.17
N THR A 64 9.13 -7.17 3.09
CA THR A 64 9.11 -8.47 3.79
C THR A 64 8.02 -9.37 3.21
N ASP A 65 6.96 -8.71 2.77
CA ASP A 65 5.75 -9.37 2.29
C ASP A 65 6.02 -10.39 1.24
N TYR A 66 6.98 -10.06 0.43
CA TYR A 66 7.32 -10.96 -0.60
C TYR A 66 8.59 -11.72 -0.21
N ASN A 67 8.94 -11.62 1.07
CA ASN A 67 10.07 -12.37 1.55
C ASN A 67 9.66 -13.22 2.73
N GLY A 68 8.38 -13.58 2.74
CA GLY A 68 7.79 -14.40 3.78
C GLY A 68 7.72 -13.84 5.20
N GLY A 69 7.82 -12.52 5.32
CA GLY A 69 7.83 -11.84 6.62
C GLY A 69 6.49 -11.27 7.13
N TYR A 70 6.63 -10.64 8.27
CA TYR A 70 5.51 -9.99 8.92
C TYR A 70 5.42 -8.54 8.51
N VAL A 71 4.21 -8.01 8.58
CA VAL A 71 4.00 -6.62 8.23
C VAL A 71 3.04 -5.99 9.22
N PHE A 72 3.07 -4.66 9.40
CA PHE A 72 2.25 -3.93 10.36
C PHE A 72 1.68 -2.63 9.80
N PRO A 73 0.78 -2.81 8.93
CA PRO A 73 0.18 -1.73 8.18
C PRO A 73 -1.15 -1.29 8.75
N ALA A 74 -1.68 -0.22 8.20
CA ALA A 74 -2.96 0.28 8.60
C ALA A 74 -3.59 1.03 7.45
N SER A 75 -4.90 0.92 7.38
CA SER A 75 -5.63 1.65 6.37
C SER A 75 -5.84 3.13 6.80
N ILE A 76 -5.65 4.15 5.94
CA ILE A 76 -5.91 5.57 6.28
C ILE A 76 -7.26 6.02 5.69
N THR A 77 -7.68 7.25 5.95
CA THR A 77 -8.98 7.71 5.49
C THR A 77 -9.03 8.11 4.05
N ILE A 78 -7.89 8.58 3.56
CA ILE A 78 -7.73 9.02 2.18
C ILE A 78 -7.95 7.79 1.31
N GLY A 79 -8.86 7.81 0.37
CA GLY A 79 -9.00 6.64 -0.40
C GLY A 79 -9.64 6.93 -1.70
N THR A 80 -10.37 5.94 -2.13
CA THR A 80 -11.03 6.00 -3.39
C THR A 80 -12.50 5.75 -3.30
N THR A 81 -13.24 6.62 -3.96
CA THR A 81 -14.64 6.46 -3.84
C THR A 81 -15.36 6.17 -5.12
N GLY A 82 -16.36 5.33 -5.01
CA GLY A 82 -17.04 5.05 -6.25
C GLY A 82 -18.55 4.98 -6.25
N LEU A 83 -19.05 5.59 -7.29
CA LEU A 83 -20.44 5.62 -7.57
C LEU A 83 -20.53 4.74 -8.77
N ALA A 84 -21.45 3.75 -8.68
CA ALA A 84 -21.68 2.82 -9.76
C ALA A 84 -23.01 2.05 -9.73
N ARG A 85 -23.44 1.65 -10.92
CA ARG A 85 -24.65 0.85 -11.07
C ARG A 85 -24.59 -0.12 -12.24
N LEU A 86 -25.53 -1.05 -12.15
CA LEU A 86 -25.64 -2.09 -13.13
C LEU A 86 -26.19 -1.64 -14.45
N ARG A 87 -25.77 -2.34 -15.46
CA ARG A 87 -26.23 -1.99 -16.76
C ARG A 87 -27.24 -2.94 -17.24
N GLU A 88 -27.84 -2.47 -18.33
CA GLU A 88 -28.85 -3.18 -19.06
C GLU A 88 -28.07 -4.19 -19.93
N ASP A 89 -27.12 -3.61 -20.65
CA ASP A 89 -26.24 -4.33 -21.55
C ASP A 89 -25.01 -4.83 -20.83
N LYS A 90 -24.07 -5.33 -21.64
CA LYS A 90 -22.78 -5.91 -21.24
C LYS A 90 -21.63 -4.92 -21.38
N LYS A 91 -21.97 -3.65 -21.52
CA LYS A 91 -20.96 -2.63 -21.68
C LYS A 91 -20.56 -2.07 -20.32
N VAL A 92 -19.32 -1.56 -20.28
CA VAL A 92 -18.74 -0.97 -19.08
C VAL A 92 -18.33 0.50 -19.32
N LYS A 93 -18.94 1.41 -18.56
CA LYS A 93 -18.61 2.82 -18.71
C LYS A 93 -17.94 3.31 -17.45
N LEU A 94 -16.86 4.06 -17.63
CA LEU A 94 -16.09 4.57 -16.52
C LEU A 94 -15.56 5.99 -16.64
N TYR A 95 -15.83 6.67 -15.56
CA TYR A 95 -15.40 8.02 -15.45
C TYR A 95 -14.55 8.18 -14.24
N SER A 96 -13.49 8.95 -14.42
CA SER A 96 -12.55 9.26 -13.36
C SER A 96 -12.34 10.77 -13.19
N GLU A 97 -12.97 11.29 -12.17
CA GLU A 97 -12.93 12.68 -11.82
C GLU A 97 -11.49 13.20 -11.73
N ASN A 98 -10.53 12.30 -11.69
CA ASN A 98 -9.13 12.69 -11.54
C ASN A 98 -8.40 12.88 -12.85
N PHE A 99 -8.98 12.26 -13.84
CA PHE A 99 -8.46 12.34 -15.16
C PHE A 99 -9.72 12.52 -16.08
N PRO A 100 -10.28 13.75 -16.07
CA PRO A 100 -11.49 14.12 -16.81
C PRO A 100 -11.31 14.16 -18.32
N LYS A 101 -10.04 14.34 -18.72
CA LYS A 101 -9.51 14.44 -20.08
C LYS A 101 -9.52 13.16 -20.86
N LEU A 102 -9.99 12.13 -20.23
CA LEU A 102 -10.08 10.87 -20.91
C LEU A 102 -11.53 10.80 -21.32
N GLY A 103 -12.29 11.63 -20.61
CA GLY A 103 -13.71 11.62 -20.85
C GLY A 103 -14.12 10.26 -20.36
N VAL A 104 -15.16 9.71 -20.95
CA VAL A 104 -15.62 8.39 -20.55
C VAL A 104 -14.92 7.28 -21.28
N ILE A 105 -14.72 6.19 -20.55
CA ILE A 105 -14.11 5.00 -21.08
C ILE A 105 -15.16 3.89 -21.08
N GLU A 106 -15.13 3.08 -22.13
CA GLU A 106 -16.00 1.93 -22.29
C GLU A 106 -15.30 0.78 -22.96
N PHE A 107 -15.96 -0.37 -22.91
CA PHE A 107 -15.47 -1.61 -23.44
C PHE A 107 -16.58 -2.60 -23.14
N ASP A 108 -16.72 -3.69 -23.85
CA ASP A 108 -17.77 -4.53 -23.36
C ASP A 108 -17.14 -5.66 -22.61
N LEU A 109 -17.98 -6.32 -21.85
CA LEU A 109 -17.64 -7.42 -21.02
C LEU A 109 -16.77 -8.47 -21.70
N ASP A 110 -16.28 -8.21 -22.92
CA ASP A 110 -15.46 -9.21 -23.54
C ASP A 110 -14.07 -8.77 -23.93
N GLU A 111 -13.75 -7.57 -23.57
CA GLU A 111 -12.42 -7.16 -23.87
C GLU A 111 -11.62 -7.11 -22.58
N VAL A 112 -12.28 -7.53 -21.50
CA VAL A 112 -11.63 -7.50 -20.20
C VAL A 112 -10.21 -8.06 -20.24
N GLU A 113 -9.99 -9.01 -21.12
CA GLU A 113 -8.67 -9.60 -21.21
C GLU A 113 -7.60 -8.77 -21.89
N LYS A 114 -7.97 -7.84 -22.76
CA LYS A 114 -6.94 -7.07 -23.44
C LYS A 114 -6.68 -5.68 -22.85
N LYS A 115 -5.55 -5.50 -22.25
CA LYS A 115 -5.33 -4.19 -21.77
C LYS A 115 -5.28 -3.16 -22.90
N ASP A 116 -5.36 -1.89 -22.43
CA ASP A 116 -5.34 -0.62 -23.14
C ASP A 116 -4.28 0.27 -22.59
N GLY A 117 -3.18 0.24 -23.28
CA GLY A 117 -2.05 1.04 -22.84
C GLY A 117 -1.97 1.00 -21.33
N GLU A 118 -1.66 2.12 -20.70
CA GLU A 118 -1.58 2.19 -19.26
C GLU A 118 -2.80 2.88 -18.67
N LEU A 119 -3.95 2.61 -19.27
CA LEU A 119 -5.15 3.20 -18.73
C LEU A 119 -5.68 2.54 -17.51
N TRP A 120 -6.35 3.37 -16.70
CA TRP A 120 -7.04 3.04 -15.43
C TRP A 120 -8.08 1.94 -15.53
N SER A 121 -8.73 1.85 -16.68
CA SER A 121 -9.75 0.83 -16.88
C SER A 121 -9.11 -0.56 -16.82
N ASN A 122 -7.77 -0.58 -16.97
CA ASN A 122 -7.02 -1.82 -16.94
C ASN A 122 -7.22 -2.57 -15.64
N TYR A 123 -7.18 -1.79 -14.57
CA TYR A 123 -7.46 -2.30 -13.23
C TYR A 123 -8.88 -2.77 -13.16
N VAL A 124 -9.73 -2.07 -13.87
CA VAL A 124 -11.08 -2.54 -13.82
C VAL A 124 -11.25 -3.86 -14.61
N LYS A 125 -10.56 -3.98 -15.77
CA LYS A 125 -10.60 -5.19 -16.62
C LYS A 125 -10.08 -6.42 -15.89
N GLY A 126 -8.88 -6.24 -15.33
CA GLY A 126 -8.16 -7.30 -14.63
C GLY A 126 -8.97 -7.91 -13.50
N MET A 127 -9.53 -7.03 -12.72
CA MET A 127 -10.34 -7.49 -11.64
C MET A 127 -11.47 -8.40 -12.19
N ILE A 128 -12.06 -7.94 -13.28
CA ILE A 128 -13.11 -8.71 -13.87
C ILE A 128 -12.56 -10.06 -14.27
N VAL A 129 -11.44 -9.97 -14.96
CA VAL A 129 -10.72 -11.15 -15.40
C VAL A 129 -10.42 -12.04 -14.21
N MET A 130 -9.71 -11.52 -13.19
CA MET A 130 -9.45 -12.35 -12.02
C MET A 130 -10.72 -12.89 -11.38
N LEU A 131 -11.72 -12.01 -11.20
CA LEU A 131 -12.96 -12.36 -10.55
C LEU A 131 -13.63 -13.59 -11.16
N LYS A 132 -13.75 -13.51 -12.48
CA LYS A 132 -14.34 -14.58 -13.25
C LYS A 132 -13.54 -15.89 -13.09
N GLY A 133 -12.20 -15.74 -13.17
CA GLY A 133 -11.28 -16.85 -13.10
C GLY A 133 -11.41 -17.67 -11.83
N ALA A 134 -12.01 -17.07 -10.81
CA ALA A 134 -12.18 -17.71 -9.51
C ALA A 134 -13.55 -18.35 -9.36
N GLY A 135 -14.21 -18.36 -10.50
CA GLY A 135 -15.53 -18.90 -10.70
C GLY A 135 -16.60 -17.83 -10.66
N TYR A 136 -16.24 -16.62 -10.32
CA TYR A 136 -17.30 -15.68 -10.27
C TYR A 136 -17.80 -15.22 -11.63
N GLU A 137 -19.10 -14.92 -11.73
CA GLU A 137 -19.60 -14.49 -13.02
C GLU A 137 -20.19 -13.10 -13.16
N ILE A 138 -19.45 -12.26 -13.88
CA ILE A 138 -19.80 -10.91 -14.24
C ILE A 138 -20.34 -10.96 -15.64
N ASP A 139 -21.66 -11.08 -15.68
CA ASP A 139 -22.48 -11.22 -16.86
C ASP A 139 -23.00 -9.91 -17.46
N LYS A 140 -23.03 -8.82 -16.72
CA LYS A 140 -23.54 -7.62 -17.33
C LYS A 140 -22.59 -6.48 -17.31
N GLY A 141 -23.03 -5.46 -18.00
CA GLY A 141 -22.29 -4.24 -18.07
C GLY A 141 -22.67 -3.47 -16.83
N PHE A 142 -22.13 -2.25 -16.69
CA PHE A 142 -22.37 -1.44 -15.53
C PHE A 142 -21.68 -0.12 -15.70
N GLU A 143 -22.03 0.79 -14.78
CA GLU A 143 -21.42 2.09 -14.84
C GLU A 143 -20.55 2.36 -13.66
N LEU A 144 -19.47 3.09 -13.87
CA LEU A 144 -18.62 3.37 -12.77
C LEU A 144 -17.92 4.70 -12.79
N LEU A 145 -18.21 5.46 -11.73
CA LEU A 145 -17.59 6.76 -11.52
C LEU A 145 -16.73 6.69 -10.29
N ILE A 146 -15.52 7.21 -10.39
CA ILE A 146 -14.62 7.19 -9.26
C ILE A 146 -13.94 8.52 -9.09
N LYS A 147 -13.49 8.72 -7.85
CA LYS A 147 -12.69 9.83 -7.34
C LYS A 147 -11.80 9.25 -6.23
N GLY A 148 -10.51 9.61 -6.30
CA GLY A 148 -9.52 9.09 -5.37
C GLY A 148 -8.60 10.15 -4.82
N GLU A 149 -8.58 10.19 -3.49
CA GLU A 149 -7.82 11.15 -2.81
C GLU A 149 -6.39 10.67 -2.76
N ILE A 150 -6.14 9.45 -3.22
CA ILE A 150 -4.78 8.98 -3.19
C ILE A 150 -3.87 9.36 -4.36
N PRO A 151 -2.88 10.18 -3.97
CA PRO A 151 -1.88 10.69 -4.87
C PRO A 151 -1.13 9.63 -5.70
N THR A 152 -1.17 9.83 -7.00
CA THR A 152 -0.59 8.98 -8.00
C THR A 152 0.68 8.28 -7.53
N ALA A 153 1.64 9.06 -7.05
CA ALA A 153 2.85 8.36 -6.68
C ALA A 153 3.22 8.59 -5.25
N SER A 154 2.23 8.61 -4.38
CA SER A 154 2.43 8.79 -2.98
C SER A 154 2.98 7.54 -2.32
N GLY A 155 2.83 6.38 -2.95
CA GLY A 155 3.36 5.21 -2.25
C GLY A 155 2.34 4.76 -1.21
N LEU A 156 1.15 5.37 -1.29
CA LEU A 156 0.06 5.04 -0.39
C LEU A 156 -0.93 4.04 -0.96
N SER A 157 -0.48 3.38 -2.01
CA SER A 157 -1.31 2.33 -2.59
C SER A 157 -2.58 2.69 -3.35
N SER A 158 -2.48 3.58 -4.37
CA SER A 158 -3.61 3.94 -5.26
C SER A 158 -4.17 2.72 -6.06
N SER A 159 -3.27 1.83 -6.54
CA SER A 159 -3.67 0.66 -7.35
C SER A 159 -4.57 -0.28 -6.61
N ALA A 160 -4.01 -0.74 -5.47
CA ALA A 160 -4.71 -1.61 -4.52
C ALA A 160 -6.04 -0.99 -4.07
N SER A 161 -6.09 0.33 -3.77
CA SER A 161 -7.36 0.93 -3.37
C SER A 161 -8.44 0.64 -4.40
N LEU A 162 -8.06 0.91 -5.64
CA LEU A 162 -8.91 0.77 -6.82
C LEU A 162 -9.33 -0.64 -7.10
N GLU A 163 -8.31 -1.50 -7.02
CA GLU A 163 -8.58 -2.91 -7.27
C GLU A 163 -9.64 -3.35 -6.29
N LEU A 164 -9.40 -2.93 -5.05
CA LEU A 164 -10.34 -3.29 -4.03
C LEU A 164 -11.69 -2.59 -4.23
N LEU A 165 -11.67 -1.36 -4.70
CA LEU A 165 -12.93 -0.69 -4.93
C LEU A 165 -13.72 -1.53 -5.86
N VAL A 166 -13.06 -1.97 -6.94
CA VAL A 166 -13.74 -2.76 -7.93
C VAL A 166 -14.22 -4.02 -7.38
N GLY A 167 -13.33 -4.53 -6.57
CA GLY A 167 -13.60 -5.78 -5.92
C GLY A 167 -14.97 -5.71 -5.30
N VAL A 168 -15.13 -4.83 -4.30
CA VAL A 168 -16.41 -4.68 -3.59
C VAL A 168 -17.56 -4.24 -4.48
N VAL A 169 -17.24 -3.43 -5.46
CA VAL A 169 -18.31 -3.06 -6.32
C VAL A 169 -18.81 -4.29 -7.07
N LEU A 170 -17.92 -4.94 -7.77
CA LEU A 170 -18.37 -6.13 -8.47
C LEU A 170 -19.09 -7.03 -7.50
N ASP A 171 -18.45 -7.24 -6.35
CA ASP A 171 -18.97 -8.08 -5.28
C ASP A 171 -20.37 -7.66 -4.90
N ASP A 172 -20.68 -6.40 -5.12
CA ASP A 172 -22.02 -5.98 -4.75
C ASP A 172 -23.03 -6.06 -5.88
N LEU A 173 -22.70 -5.44 -6.99
CA LEU A 173 -23.66 -5.47 -8.07
C LEU A 173 -24.07 -6.86 -8.53
N PHE A 174 -23.08 -7.67 -8.78
CA PHE A 174 -23.34 -9.01 -9.23
C PHE A 174 -23.61 -9.96 -8.11
N ASN A 175 -23.80 -9.38 -6.94
CA ASN A 175 -24.13 -10.13 -5.74
C ASN A 175 -23.25 -11.34 -5.58
N LEU A 176 -21.98 -11.14 -5.71
CA LEU A 176 -21.14 -12.28 -5.45
C LEU A 176 -20.93 -12.29 -3.96
N ASN A 177 -20.51 -13.42 -3.42
CA ASN A 177 -20.24 -13.44 -2.00
C ASN A 177 -18.77 -13.73 -1.79
N VAL A 178 -17.96 -12.86 -2.43
CA VAL A 178 -16.53 -12.96 -2.38
C VAL A 178 -16.01 -12.70 -1.01
N PRO A 179 -15.30 -13.67 -0.56
CA PRO A 179 -14.70 -13.60 0.74
C PRO A 179 -13.60 -12.60 0.65
N ARG A 180 -13.56 -11.80 1.67
CA ARG A 180 -12.60 -10.76 1.71
C ARG A 180 -11.19 -11.19 1.26
N LEU A 181 -10.66 -12.25 1.87
CA LEU A 181 -9.34 -12.79 1.53
C LEU A 181 -9.13 -13.05 0.05
N GLU A 182 -10.07 -13.77 -0.55
CA GLU A 182 -10.01 -14.05 -1.96
C GLU A 182 -10.04 -12.72 -2.67
N LEU A 183 -11.03 -11.94 -2.30
CA LEU A 183 -11.16 -10.65 -2.89
C LEU A 183 -9.78 -9.98 -2.89
N VAL A 184 -9.13 -10.10 -1.77
CA VAL A 184 -7.83 -9.51 -1.59
C VAL A 184 -6.72 -10.17 -2.46
N GLN A 185 -6.77 -11.47 -2.51
CA GLN A 185 -5.77 -12.18 -3.28
C GLN A 185 -5.98 -11.98 -4.75
N LEU A 186 -7.23 -11.69 -5.09
CA LEU A 186 -7.61 -11.43 -6.46
C LEU A 186 -7.07 -10.06 -6.89
N GLY A 187 -7.21 -9.08 -5.98
CA GLY A 187 -6.70 -7.74 -6.24
C GLY A 187 -5.20 -7.83 -6.35
N GLN A 188 -4.56 -8.66 -5.52
CA GLN A 188 -3.13 -8.74 -5.63
C GLN A 188 -2.80 -9.41 -6.96
N LYS A 189 -3.60 -10.44 -7.30
CA LYS A 189 -3.43 -11.16 -8.56
C LYS A 189 -3.52 -10.26 -9.82
N THR A 190 -4.40 -9.29 -9.78
CA THR A 190 -4.58 -8.38 -10.87
C THR A 190 -3.35 -7.50 -11.05
N GLU A 191 -2.92 -7.00 -9.91
CA GLU A 191 -1.80 -6.12 -9.89
C GLU A 191 -0.62 -6.79 -10.57
N ASN A 192 -0.39 -7.95 -10.02
CA ASN A 192 0.67 -8.86 -10.33
C ASN A 192 0.58 -9.52 -11.69
N ASP A 193 -0.54 -10.21 -11.90
CA ASP A 193 -0.77 -10.98 -13.09
C ASP A 193 -1.19 -10.16 -14.27
N TYR A 194 -2.16 -9.24 -14.07
CA TYR A 194 -2.67 -8.40 -15.14
C TYR A 194 -1.93 -7.09 -15.38
N ILE A 195 -1.91 -6.26 -14.36
CA ILE A 195 -1.31 -4.96 -14.48
C ILE A 195 0.15 -5.19 -14.76
N GLY A 196 0.64 -6.17 -14.04
CA GLY A 196 2.04 -6.55 -14.19
C GLY A 196 3.00 -5.92 -13.20
N VAL A 197 2.50 -5.65 -11.98
CA VAL A 197 3.35 -5.05 -10.97
C VAL A 197 3.74 -6.01 -9.88
N ASN A 198 5.02 -6.20 -9.70
CA ASN A 198 5.44 -7.14 -8.68
C ASN A 198 5.21 -6.68 -7.25
N SER A 199 4.70 -7.59 -6.43
CA SER A 199 4.43 -7.22 -5.03
C SER A 199 4.01 -8.38 -4.11
N GLY A 200 3.77 -8.06 -2.86
CA GLY A 200 3.29 -9.05 -1.94
C GLY A 200 1.83 -8.66 -1.69
N ILE A 201 1.20 -9.28 -0.72
CA ILE A 201 -0.17 -8.96 -0.47
C ILE A 201 -0.35 -7.74 0.44
N LEU A 202 0.77 -7.10 0.82
CA LEU A 202 0.73 -5.92 1.70
C LEU A 202 -0.43 -4.93 1.55
N ASP A 203 -0.47 -4.18 0.44
CA ASP A 203 -1.50 -3.17 0.23
C ASP A 203 -2.96 -3.68 0.24
N GLN A 204 -3.20 -4.73 -0.56
CA GLN A 204 -4.49 -5.38 -0.65
C GLN A 204 -4.99 -5.80 0.74
N PHE A 205 -4.17 -6.48 1.50
CA PHE A 205 -4.61 -6.91 2.81
C PHE A 205 -4.99 -5.77 3.74
N ALA A 206 -4.19 -4.73 3.79
CA ALA A 206 -4.48 -3.61 4.68
C ALA A 206 -5.79 -2.92 4.34
N ILE A 207 -5.95 -2.72 3.05
CA ILE A 207 -7.07 -2.02 2.46
C ILE A 207 -8.34 -2.86 2.57
N GLY A 208 -8.09 -4.13 2.33
CA GLY A 208 -9.10 -5.14 2.35
C GLY A 208 -9.57 -5.42 3.75
N PHE A 209 -8.62 -5.54 4.67
CA PHE A 209 -8.94 -5.82 6.07
C PHE A 209 -8.95 -4.60 6.99
N GLY A 210 -8.82 -3.39 6.45
CA GLY A 210 -8.82 -2.22 7.30
C GLY A 210 -9.95 -2.15 8.31
N GLU A 211 -9.65 -1.60 9.50
CA GLU A 211 -10.63 -1.40 10.56
C GLU A 211 -10.34 -0.08 11.25
N VAL A 212 -11.39 0.64 11.59
CA VAL A 212 -11.23 1.93 12.25
C VAL A 212 -10.34 1.81 13.51
N LYS A 213 -9.32 2.68 13.68
CA LYS A 213 -8.36 2.67 14.82
C LYS A 213 -7.60 1.35 15.13
N LYS A 214 -7.52 0.51 14.08
CA LYS A 214 -6.86 -0.78 14.15
C LYS A 214 -5.79 -0.93 13.06
N ALA A 215 -4.70 -1.54 13.49
CA ALA A 215 -3.63 -1.90 12.60
C ALA A 215 -3.65 -3.43 12.51
N ILE A 216 -3.00 -3.97 11.53
CA ILE A 216 -3.01 -5.40 11.31
C ILE A 216 -1.65 -5.99 11.51
N GLU A 217 -1.55 -6.96 12.39
CA GLU A 217 -0.29 -7.67 12.51
C GLU A 217 -0.46 -8.86 11.54
N LEU A 218 0.31 -8.89 10.46
CA LEU A 218 0.15 -9.98 9.53
C LEU A 218 1.40 -10.82 9.27
N ASP A 219 1.23 -12.13 9.35
CA ASP A 219 2.34 -12.97 9.00
C ASP A 219 2.10 -13.27 7.55
N CYS A 220 3.05 -12.88 6.71
CA CYS A 220 2.82 -13.02 5.27
C CYS A 220 2.99 -14.41 4.80
N ASN A 221 3.64 -15.16 5.61
CA ASN A 221 3.88 -16.52 5.24
C ASN A 221 2.64 -17.42 5.37
N THR A 222 1.83 -17.16 6.37
CA THR A 222 0.70 -17.99 6.66
C THR A 222 -0.65 -17.31 6.47
N LEU A 223 -0.58 -16.01 6.30
CA LEU A 223 -1.81 -15.25 6.14
C LEU A 223 -2.60 -15.12 7.40
N LYS A 224 -1.94 -15.53 8.46
CA LYS A 224 -2.48 -15.36 9.76
C LYS A 224 -2.18 -13.88 10.21
N TYR A 225 -3.21 -13.22 10.74
CA TYR A 225 -3.14 -11.84 11.19
C TYR A 225 -3.94 -11.59 12.46
N GLU A 226 -3.61 -10.45 13.02
CA GLU A 226 -4.18 -9.95 14.24
C GLU A 226 -4.46 -8.47 14.08
N MET A 227 -5.66 -8.12 14.44
CA MET A 227 -6.02 -6.75 14.43
C MET A 227 -5.51 -6.16 15.75
N VAL A 228 -4.83 -5.02 15.67
CA VAL A 228 -4.24 -4.33 16.80
C VAL A 228 -4.83 -2.91 16.83
N PRO A 229 -5.44 -2.50 17.93
CA PRO A 229 -5.99 -1.17 17.98
C PRO A 229 -4.86 -0.15 18.07
N VAL A 230 -5.03 0.89 17.36
CA VAL A 230 -4.02 1.87 17.44
C VAL A 230 -4.11 2.59 18.74
N GLU A 231 -3.12 2.33 19.54
CA GLU A 231 -3.05 3.00 20.78
C GLU A 231 -1.74 3.81 20.90
N LEU A 232 -1.82 5.11 20.51
CA LEU A 232 -0.66 6.00 20.51
C LEU A 232 -0.56 7.05 21.61
N ARG A 233 -1.57 7.09 22.46
CA ARG A 233 -1.53 8.05 23.53
C ARG A 233 -1.73 9.42 22.91
N ASP A 234 -0.80 10.33 23.24
CA ASP A 234 -0.82 11.73 22.76
C ASP A 234 -0.13 11.99 21.40
N TYR A 235 0.42 10.93 20.83
CA TYR A 235 1.13 10.93 19.56
C TYR A 235 0.26 10.76 18.36
N ASP A 236 0.67 11.44 17.32
CA ASP A 236 -0.05 11.34 16.08
C ASP A 236 0.82 10.63 15.02
N ILE A 237 0.19 10.10 13.95
CA ILE A 237 1.00 9.51 12.90
C ILE A 237 1.08 10.56 11.83
N VAL A 238 2.24 11.09 11.63
CA VAL A 238 2.30 12.14 10.68
C VAL A 238 2.89 11.57 9.42
N ILE A 239 2.15 11.74 8.37
CA ILE A 239 2.61 11.32 7.07
C ILE A 239 3.38 12.43 6.34
N MET A 240 4.60 12.16 5.90
CA MET A 240 5.38 13.16 5.16
C MET A 240 5.61 12.75 3.70
N ASN A 241 4.92 13.41 2.76
CA ASN A 241 5.13 13.14 1.36
C ASN A 241 6.35 13.86 0.76
N THR A 242 7.34 13.14 0.26
CA THR A 242 8.48 13.82 -0.34
C THR A 242 8.02 14.69 -1.53
N ASN A 243 6.91 14.30 -2.15
CA ASN A 243 6.45 15.04 -3.28
C ASN A 243 7.47 14.93 -4.38
N LYS A 244 8.35 13.96 -4.26
CA LYS A 244 9.37 13.78 -5.26
C LYS A 244 8.88 13.30 -6.61
N PRO A 245 9.17 14.13 -7.64
CA PRO A 245 8.83 13.85 -9.02
C PRO A 245 9.72 12.71 -9.47
N ARG A 246 9.04 11.68 -9.93
CA ARG A 246 9.73 10.50 -10.32
C ARG A 246 8.89 9.75 -11.31
N ALA A 247 9.63 8.85 -11.96
CA ALA A 247 9.15 7.96 -12.98
C ALA A 247 8.46 6.78 -12.36
N LEU A 248 7.19 6.77 -12.65
CA LEU A 248 6.26 5.74 -12.28
C LEU A 248 6.51 4.60 -13.28
N THR A 249 7.73 4.03 -13.13
CA THR A 249 8.31 2.95 -13.92
C THR A 249 8.37 1.63 -13.15
N GLU A 250 9.10 1.66 -12.01
CA GLU A 250 9.18 0.48 -11.11
C GLU A 250 10.19 -0.62 -11.46
N SER A 251 11.40 -0.25 -11.76
CA SER A 251 12.34 -1.29 -12.05
C SER A 251 13.15 -1.57 -10.82
N LYS A 252 13.46 -0.50 -10.10
CA LYS A 252 14.24 -0.72 -8.93
C LYS A 252 13.54 -1.70 -8.02
N TYR A 253 12.22 -1.62 -8.02
CA TYR A 253 11.46 -2.50 -7.17
C TYR A 253 11.68 -3.91 -7.60
N ASN A 254 11.44 -4.01 -8.90
CA ASN A 254 11.54 -5.25 -9.58
C ASN A 254 12.92 -5.90 -9.43
N GLU A 255 13.95 -5.08 -9.25
CA GLU A 255 15.30 -5.62 -9.05
C GLU A 255 15.50 -6.24 -7.71
N ARG A 256 14.85 -5.59 -6.74
CA ARG A 256 14.89 -5.97 -5.37
C ARG A 256 14.30 -7.34 -5.26
N PHE A 257 13.12 -7.42 -5.80
CA PHE A 257 12.42 -8.66 -5.82
C PHE A 257 13.35 -9.71 -6.41
N ALA A 258 14.01 -9.29 -7.48
CA ALA A 258 14.94 -10.12 -8.21
C ALA A 258 16.07 -10.58 -7.30
N GLU A 259 16.73 -9.57 -6.81
CA GLU A 259 17.84 -9.77 -5.93
C GLU A 259 17.55 -10.73 -4.79
N THR A 260 16.59 -10.42 -3.95
CA THR A 260 16.35 -11.31 -2.83
C THR A 260 16.04 -12.76 -3.17
N ARG A 261 15.41 -12.92 -4.31
CA ARG A 261 15.02 -14.22 -4.82
C ARG A 261 16.24 -15.07 -5.09
N GLU A 262 17.22 -14.38 -5.68
CA GLU A 262 18.45 -15.00 -5.99
C GLU A 262 19.12 -15.41 -4.71
N ALA A 263 19.16 -14.50 -3.78
CA ALA A 263 19.78 -14.75 -2.49
C ALA A 263 19.12 -15.93 -1.86
N LEU A 264 17.81 -15.87 -1.94
CA LEU A 264 17.05 -16.94 -1.38
C LEU A 264 17.39 -18.25 -2.06
N LYS A 265 17.48 -18.22 -3.40
CA LYS A 265 17.81 -19.43 -4.09
C LYS A 265 19.11 -20.00 -3.52
N ARG A 266 20.17 -19.19 -3.60
CA ARG A 266 21.46 -19.56 -3.03
C ARG A 266 21.33 -20.15 -1.64
N MET A 267 20.56 -19.47 -0.82
CA MET A 267 20.41 -20.03 0.50
C MET A 267 19.82 -21.42 0.50
N GLN A 268 18.85 -21.58 -0.37
CA GLN A 268 18.16 -22.83 -0.51
C GLN A 268 19.03 -24.05 -0.85
N THR A 269 20.20 -23.82 -1.47
CA THR A 269 21.09 -24.93 -1.77
C THR A 269 21.38 -25.75 -0.53
N ARG A 270 21.76 -25.03 0.53
CA ARG A 270 22.09 -25.69 1.76
C ARG A 270 21.03 -25.55 2.82
N LEU A 271 20.06 -24.64 2.59
CA LEU A 271 18.98 -24.42 3.56
C LEU A 271 17.56 -24.78 3.14
N ASP A 272 16.87 -25.39 4.10
CA ASP A 272 15.51 -25.85 3.88
C ASP A 272 14.49 -24.79 4.22
N ILE A 273 14.51 -23.73 3.47
CA ILE A 273 13.56 -22.72 3.76
C ILE A 273 12.82 -22.42 2.50
N GLN A 274 11.60 -21.98 2.70
CA GLN A 274 10.76 -21.61 1.60
C GLN A 274 10.95 -20.11 1.33
N SER A 275 11.39 -19.35 2.36
CA SER A 275 11.63 -17.92 2.22
C SER A 275 12.61 -17.49 3.23
N LEU A 276 13.13 -16.29 2.99
CA LEU A 276 14.10 -15.63 3.85
C LEU A 276 13.52 -15.35 5.23
N GLY A 277 12.21 -15.26 5.22
CA GLY A 277 11.45 -15.00 6.44
C GLY A 277 11.60 -16.08 7.51
N GLU A 278 11.95 -17.30 7.12
CA GLU A 278 12.07 -18.36 8.10
C GLU A 278 13.28 -18.27 9.03
N LEU A 279 14.29 -17.51 8.62
CA LEU A 279 15.56 -17.34 9.30
C LEU A 279 15.65 -16.30 10.40
N SER A 280 16.36 -16.75 11.44
CA SER A 280 16.67 -15.95 12.58
C SER A 280 17.78 -15.11 12.04
N ASN A 281 18.03 -13.96 12.66
CA ASN A 281 19.10 -13.10 12.23
C ASN A 281 20.45 -13.87 12.32
N GLU A 282 20.61 -14.59 13.44
CA GLU A 282 21.82 -15.35 13.62
C GLU A 282 22.02 -16.34 12.50
N GLU A 283 20.96 -17.13 12.25
CA GLU A 283 20.94 -18.12 11.17
C GLU A 283 21.32 -17.44 9.86
N PHE A 284 20.70 -16.30 9.59
CA PHE A 284 21.05 -15.61 8.38
C PHE A 284 22.55 -15.31 8.36
N ASP A 285 22.92 -14.65 9.43
CA ASP A 285 24.27 -14.18 9.54
C ASP A 285 25.32 -15.24 9.39
N ALA A 286 25.02 -16.38 9.96
CA ALA A 286 25.99 -17.43 9.87
C ALA A 286 26.15 -17.96 8.45
N ASN A 287 25.11 -17.85 7.64
CA ASN A 287 25.17 -18.41 6.32
C ASN A 287 25.39 -17.51 5.15
N THR A 288 25.88 -16.32 5.41
CA THR A 288 26.09 -15.38 4.34
C THR A 288 27.00 -15.90 3.23
N ASP A 289 27.80 -16.88 3.63
CA ASP A 289 28.68 -17.46 2.66
C ASP A 289 27.94 -18.08 1.47
N LEU A 290 26.79 -18.72 1.72
CA LEU A 290 26.00 -19.33 0.66
C LEU A 290 25.71 -18.39 -0.50
N ILE A 291 25.65 -17.11 -0.13
CA ILE A 291 25.32 -16.06 -1.06
C ILE A 291 26.51 -15.50 -1.79
N GLY A 292 27.50 -15.06 -1.01
CA GLY A 292 28.70 -14.48 -1.55
C GLY A 292 28.56 -13.01 -2.04
N ASP A 293 27.75 -12.77 -3.07
CA ASP A 293 27.66 -11.38 -3.52
C ASP A 293 27.33 -10.40 -2.37
N GLU A 294 28.13 -9.35 -2.28
CA GLU A 294 27.96 -8.34 -1.25
C GLU A 294 26.64 -7.64 -1.26
N THR A 295 26.24 -7.26 -2.44
CA THR A 295 24.99 -6.60 -2.57
C THR A 295 23.80 -7.55 -2.29
N LEU A 296 23.93 -8.79 -2.71
CA LEU A 296 22.88 -9.74 -2.45
C LEU A 296 22.75 -9.96 -0.96
N ILE A 297 23.91 -9.92 -0.35
CA ILE A 297 23.94 -10.14 1.07
C ILE A 297 23.17 -9.08 1.87
N LYS A 298 23.28 -7.85 1.40
CA LYS A 298 22.62 -6.72 1.98
C LYS A 298 21.12 -6.78 1.84
N ARG A 299 20.70 -7.10 0.63
CA ARG A 299 19.29 -7.18 0.39
C ARG A 299 18.66 -8.20 1.29
N ALA A 300 19.17 -9.43 1.22
CA ALA A 300 18.56 -10.46 2.02
C ALA A 300 18.69 -10.17 3.46
N ARG A 301 19.80 -9.55 3.81
CA ARG A 301 19.95 -9.24 5.20
C ARG A 301 18.85 -8.32 5.61
N HIS A 302 18.64 -7.29 4.78
CA HIS A 302 17.55 -6.39 5.12
C HIS A 302 16.26 -7.23 5.25
N ALA A 303 16.11 -8.25 4.40
CA ALA A 303 14.89 -9.03 4.45
C ALA A 303 14.74 -9.80 5.74
N VAL A 304 15.86 -10.27 6.29
CA VAL A 304 15.80 -11.06 7.51
C VAL A 304 15.59 -10.21 8.74
N TYR A 305 16.46 -9.21 8.84
CA TYR A 305 16.47 -8.30 9.92
C TYR A 305 15.13 -7.63 10.07
N GLU A 306 14.70 -7.08 8.97
CA GLU A 306 13.44 -6.40 8.97
C GLU A 306 12.29 -7.22 9.54
N ASN A 307 12.22 -8.48 9.11
CA ASN A 307 11.13 -9.38 9.59
C ASN A 307 11.08 -9.61 11.09
N ASN A 308 12.28 -9.91 11.67
CA ASN A 308 12.41 -10.16 13.10
C ASN A 308 12.08 -8.90 13.88
N ARG A 309 12.58 -7.80 13.32
CA ARG A 309 12.38 -6.48 13.86
C ARG A 309 10.91 -6.17 14.03
N THR A 310 10.15 -6.53 13.02
CA THR A 310 8.73 -6.27 13.03
C THR A 310 8.01 -6.97 14.17
N LYS A 311 8.46 -8.18 14.36
CA LYS A 311 7.93 -9.04 15.34
C LYS A 311 7.99 -8.36 16.69
N ILE A 312 9.20 -8.01 17.01
CA ILE A 312 9.49 -7.33 18.24
C ILE A 312 8.89 -5.94 18.28
N ALA A 313 8.84 -5.31 17.16
CA ALA A 313 8.33 -3.99 17.26
C ALA A 313 6.85 -4.05 17.57
N GLN A 314 6.22 -5.01 16.98
CA GLN A 314 4.83 -4.97 17.21
C GLN A 314 4.48 -5.27 18.66
N LYS A 315 5.35 -6.03 19.31
CA LYS A 315 5.02 -6.37 20.66
C LYS A 315 5.17 -5.15 21.51
N ALA A 316 6.21 -4.40 21.18
CA ALA A 316 6.50 -3.14 21.86
C ALA A 316 5.29 -2.26 21.72
N PHE A 317 4.79 -2.23 20.51
CA PHE A 317 3.66 -1.39 20.27
C PHE A 317 2.55 -1.76 21.24
N VAL A 318 2.34 -3.06 21.26
CA VAL A 318 1.35 -3.71 22.07
C VAL A 318 1.57 -3.48 23.57
N ALA A 319 2.81 -3.45 23.95
CA ALA A 319 3.16 -3.20 25.32
C ALA A 319 3.08 -1.71 25.74
N GLY A 320 2.79 -0.82 24.78
CA GLY A 320 2.76 0.63 25.05
C GLY A 320 4.16 1.27 25.16
N ASN A 321 5.20 0.52 24.75
CA ASN A 321 6.55 1.07 24.77
C ASN A 321 6.82 1.77 23.44
N LEU A 322 6.11 2.91 23.33
CA LEU A 322 6.11 3.76 22.18
C LEU A 322 7.53 4.09 21.83
N THR A 323 8.30 4.32 22.86
CA THR A 323 9.68 4.61 22.64
C THR A 323 10.46 3.54 21.88
N LYS A 324 10.53 2.36 22.47
CA LYS A 324 11.22 1.27 21.83
C LYS A 324 10.66 1.16 20.42
N PHE A 325 9.35 1.26 20.37
CA PHE A 325 8.67 1.19 19.10
C PHE A 325 9.19 2.18 18.09
N GLY A 326 9.27 3.44 18.51
CA GLY A 326 9.76 4.47 17.64
C GLY A 326 11.22 4.22 17.25
N GLU A 327 12.00 3.66 18.17
CA GLU A 327 13.40 3.39 17.87
C GLU A 327 13.54 2.35 16.79
N LEU A 328 12.59 1.45 16.81
CA LEU A 328 12.56 0.37 15.83
C LEU A 328 12.23 0.95 14.47
N LEU A 329 11.37 1.96 14.47
CA LEU A 329 10.95 2.66 13.27
C LEU A 329 12.17 3.20 12.66
N ASN A 330 12.94 3.89 13.49
CA ASN A 330 14.18 4.42 12.95
C ASN A 330 15.07 3.32 12.45
N ALA A 331 15.03 2.25 13.16
CA ALA A 331 15.87 1.17 12.72
C ALA A 331 15.47 0.61 11.34
N SER A 332 14.16 0.53 11.07
CA SER A 332 13.68 -0.01 9.81
C SER A 332 14.19 0.89 8.72
N HIS A 333 14.13 2.19 8.98
CA HIS A 333 14.58 3.21 8.05
C HIS A 333 16.03 3.05 7.63
N ALA A 334 16.87 2.93 8.61
CA ALA A 334 18.24 2.76 8.21
C ALA A 334 18.52 1.45 7.43
N SER A 335 17.86 0.35 7.78
CA SER A 335 18.09 -0.92 7.10
C SER A 335 17.77 -0.72 5.63
N LEU A 336 16.64 -0.06 5.44
CA LEU A 336 16.14 0.25 4.11
C LEU A 336 17.06 1.26 3.48
N LYS A 337 17.63 2.15 4.27
CA LYS A 337 18.50 3.13 3.68
C LYS A 337 19.78 2.48 3.21
N ASP A 338 20.37 1.75 4.13
CA ASP A 338 21.66 1.09 3.98
C ASP A 338 21.76 -0.29 3.34
N ASP A 339 20.97 -1.26 3.80
CA ASP A 339 21.09 -2.62 3.27
C ASP A 339 20.23 -2.92 2.06
N TYR A 340 19.02 -2.38 2.09
CA TYR A 340 18.17 -2.63 0.97
C TYR A 340 18.32 -1.57 -0.07
N GLU A 341 18.73 -0.37 0.35
CA GLU A 341 18.89 0.73 -0.60
C GLU A 341 17.61 1.14 -1.38
N VAL A 342 16.56 1.60 -0.68
CA VAL A 342 15.32 2.02 -1.31
C VAL A 342 14.79 3.38 -0.86
N THR A 343 15.61 4.14 -0.10
CA THR A 343 15.15 5.40 0.44
C THR A 343 15.47 6.55 -0.50
N GLY A 344 16.60 7.18 -0.27
CA GLY A 344 17.03 8.27 -1.12
C GLY A 344 17.10 9.53 -0.37
N LEU A 345 17.82 10.47 -0.94
CA LEU A 345 17.98 11.76 -0.30
C LEU A 345 16.71 12.30 0.30
N GLU A 346 15.62 12.15 -0.44
CA GLU A 346 14.36 12.71 -0.04
C GLU A 346 13.83 12.02 1.16
N LEU A 347 13.69 10.70 0.96
CA LEU A 347 13.17 9.84 2.03
C LEU A 347 14.03 9.95 3.30
N ASP A 348 15.34 9.98 3.13
CA ASP A 348 16.26 10.10 4.22
C ASP A 348 16.14 11.46 4.87
N THR A 349 15.99 12.50 4.05
CA THR A 349 15.86 13.84 4.61
C THR A 349 14.68 13.93 5.58
N LEU A 350 13.56 13.47 5.12
CA LEU A 350 12.37 13.49 5.95
C LEU A 350 12.47 12.76 7.27
N ALA A 351 12.78 11.48 7.18
CA ALA A 351 12.89 10.59 8.31
C ALA A 351 13.91 11.03 9.34
N GLU A 352 15.09 11.27 8.83
CA GLU A 352 16.16 11.68 9.70
C GLU A 352 15.95 13.06 10.28
N THR A 353 15.44 13.98 9.48
CA THR A 353 15.28 15.25 10.13
C THR A 353 14.22 15.09 11.18
N ALA A 354 13.18 14.38 10.77
CA ALA A 354 12.07 14.12 11.66
C ALA A 354 12.54 13.48 12.95
N GLN A 355 13.47 12.56 12.84
CA GLN A 355 13.89 11.94 14.05
C GLN A 355 14.49 12.88 15.04
N LYS A 356 15.14 13.88 14.47
CA LYS A 356 15.85 14.90 15.23
C LYS A 356 14.94 15.79 16.07
N GLN A 357 13.71 15.85 15.66
CA GLN A 357 12.74 16.68 16.35
C GLN A 357 12.27 16.09 17.69
N ALA A 358 11.90 17.00 18.54
CA ALA A 358 11.46 16.69 19.86
C ALA A 358 10.01 16.36 19.83
N GLY A 359 9.65 15.30 20.57
CA GLY A 359 8.26 14.84 20.64
C GLY A 359 7.94 13.95 19.46
N VAL A 360 9.08 13.45 18.94
CA VAL A 360 9.15 12.55 17.83
C VAL A 360 9.79 11.25 18.29
N LEU A 361 8.93 10.20 18.31
CA LEU A 361 9.37 8.87 18.75
C LEU A 361 10.38 8.19 17.83
N GLY A 362 10.16 8.34 16.53
CA GLY A 362 11.01 7.79 15.46
C GLY A 362 10.33 8.05 14.14
N ALA A 363 10.98 7.79 13.02
CA ALA A 363 10.31 8.03 11.74
C ALA A 363 11.00 7.23 10.68
N ARG A 364 10.22 6.89 9.64
CA ARG A 364 10.79 6.10 8.55
C ARG A 364 9.97 6.25 7.28
N MET A 365 10.57 5.82 6.17
CA MET A 365 9.83 5.77 4.94
C MET A 365 8.85 4.60 5.11
N THR A 366 7.75 4.66 4.38
CA THR A 366 6.72 3.63 4.41
C THR A 366 6.41 3.23 2.96
N GLY A 367 5.99 2.02 2.70
CA GLY A 367 5.75 1.65 1.29
C GLY A 367 7.05 1.29 0.50
N ALA A 368 6.93 1.30 -0.81
CA ALA A 368 8.03 0.94 -1.68
C ALA A 368 9.39 1.63 -1.45
N GLY A 369 9.44 2.94 -1.36
CA GLY A 369 10.74 3.59 -1.20
C GLY A 369 10.99 4.30 -2.51
N PHE A 370 12.19 4.79 -2.72
CA PHE A 370 12.48 5.48 -4.00
C PHE A 370 11.62 6.76 -4.17
N GLY A 371 11.31 7.42 -3.05
CA GLY A 371 10.47 8.61 -3.01
C GLY A 371 9.19 8.35 -2.21
N GLY A 372 8.06 8.99 -2.57
CA GLY A 372 6.78 8.79 -1.88
C GLY A 372 6.70 9.44 -0.51
N CYS A 373 6.10 8.66 0.43
CA CYS A 373 5.96 9.12 1.81
C CYS A 373 6.78 8.35 2.84
N ALA A 374 6.95 9.06 3.95
CA ALA A 374 7.59 8.63 5.16
C ALA A 374 6.53 8.90 6.23
N ILE A 375 6.70 8.39 7.44
CA ILE A 375 5.73 8.70 8.49
C ILE A 375 6.52 9.03 9.71
N ALA A 376 5.87 9.73 10.59
CA ALA A 376 6.45 10.04 11.87
C ALA A 376 5.38 9.95 13.02
N LEU A 377 5.89 9.62 14.23
CA LEU A 377 5.22 9.48 15.52
C LEU A 377 5.61 10.68 16.34
N VAL A 378 4.71 11.67 16.31
CA VAL A 378 4.96 12.98 16.87
C VAL A 378 3.96 13.50 17.86
N ALA A 379 4.48 14.09 18.94
CA ALA A 379 3.63 14.65 19.97
C ALA A 379 2.57 15.55 19.39
N HIS A 380 1.32 15.21 19.63
CA HIS A 380 0.17 15.93 19.10
C HIS A 380 0.37 17.43 19.12
N ASP A 381 0.84 17.87 20.30
CA ASP A 381 1.06 19.29 20.49
C ASP A 381 2.22 19.87 19.69
N ASN A 382 3.23 19.07 19.34
CA ASN A 382 4.37 19.52 18.55
C ASN A 382 4.18 19.36 17.00
N VAL A 383 3.05 18.87 16.62
CA VAL A 383 2.83 18.64 15.23
C VAL A 383 2.95 19.84 14.30
N SER A 384 2.25 20.91 14.60
CA SER A 384 2.26 22.08 13.77
C SER A 384 3.64 22.59 13.50
N ALA A 385 4.41 22.62 14.58
CA ALA A 385 5.80 23.06 14.57
C ALA A 385 6.77 22.08 13.83
N PHE A 386 6.42 20.80 13.92
CA PHE A 386 7.17 19.73 13.33
C PHE A 386 7.19 19.83 11.81
N ARG A 387 6.02 20.16 11.29
CA ARG A 387 5.82 20.30 9.88
C ARG A 387 6.74 21.35 9.33
N LYS A 388 6.82 22.42 10.09
CA LYS A 388 7.64 23.56 9.68
C LYS A 388 9.12 23.25 9.76
N ALA A 389 9.55 22.80 10.94
CA ALA A 389 10.93 22.48 11.18
C ALA A 389 11.48 21.50 10.19
N VAL A 390 10.65 20.47 9.97
CA VAL A 390 11.00 19.43 9.04
C VAL A 390 10.91 19.91 7.56
N GLY A 391 9.81 20.54 7.18
CA GLY A 391 9.74 20.98 5.80
C GLY A 391 10.90 21.87 5.39
N GLN A 392 11.19 22.82 6.27
CA GLN A 392 12.26 23.74 5.99
C GLN A 392 13.51 23.03 5.54
N VAL A 393 14.07 22.26 6.45
CA VAL A 393 15.22 21.50 6.07
C VAL A 393 15.03 20.86 4.72
N TYR A 394 13.97 20.13 4.59
CA TYR A 394 13.72 19.50 3.31
C TYR A 394 13.85 20.46 2.15
N GLU A 395 13.00 21.48 2.14
CA GLU A 395 13.11 22.36 1.00
C GLU A 395 14.53 22.76 0.80
N GLU A 396 15.11 23.20 1.87
CA GLU A 396 16.45 23.63 1.69
C GLU A 396 17.20 22.59 0.94
N VAL A 397 17.38 21.49 1.64
CA VAL A 397 18.09 20.33 1.15
C VAL A 397 17.63 19.69 -0.16
N VAL A 398 16.35 19.43 -0.26
CA VAL A 398 15.89 18.75 -1.43
C VAL A 398 15.60 19.78 -2.47
N GLY A 399 15.50 20.99 -2.00
CA GLY A 399 15.25 22.04 -2.92
C GLY A 399 13.76 22.25 -3.06
N TYR A 400 13.02 21.25 -2.65
CA TYR A 400 11.59 21.39 -2.76
C TYR A 400 10.81 21.12 -1.50
N PRO A 401 9.49 21.24 -1.61
CA PRO A 401 8.72 21.06 -0.42
C PRO A 401 8.04 19.72 -0.32
N ALA A 402 8.00 19.31 0.94
CA ALA A 402 7.34 18.10 1.31
C ALA A 402 5.92 18.43 1.70
N SER A 403 5.11 17.39 1.85
CA SER A 403 3.73 17.57 2.23
C SER A 403 3.46 16.87 3.53
N PHE A 404 2.67 17.49 4.39
CA PHE A 404 2.37 16.90 5.67
C PHE A 404 0.91 16.70 5.80
N TYR A 405 0.63 15.57 6.45
CA TYR A 405 -0.68 15.05 6.75
C TYR A 405 -0.56 14.12 7.96
N VAL A 406 -1.56 14.22 8.81
CA VAL A 406 -1.64 13.36 9.96
C VAL A 406 -2.48 12.14 9.59
N ALA A 407 -1.98 10.92 9.79
CA ALA A 407 -2.79 9.76 9.42
C ALA A 407 -4.07 9.63 10.16
N GLN A 408 -5.04 9.13 9.46
CA GLN A 408 -6.29 8.85 10.08
C GLN A 408 -6.73 7.44 9.73
N ILE A 409 -6.74 6.57 10.75
CA ILE A 409 -7.12 5.17 10.63
C ILE A 409 -8.63 4.93 10.55
N GLY A 410 -8.94 4.33 9.45
CA GLY A 410 -10.27 3.98 9.06
C GLY A 410 -10.42 2.50 8.74
N SER A 411 -11.56 2.25 8.12
CA SER A 411 -11.96 0.92 7.78
C SER A 411 -11.44 0.50 6.40
N GLY A 412 -11.50 -0.81 6.14
CA GLY A 412 -11.09 -1.38 4.88
C GLY A 412 -12.17 -1.07 3.84
N SER A 413 -12.06 -1.65 2.68
CA SER A 413 -13.03 -1.33 1.63
C SER A 413 -14.44 -1.77 1.97
N THR A 414 -15.44 -1.05 1.47
CA THR A 414 -16.83 -1.41 1.70
C THR A 414 -17.82 -0.63 0.86
N LYS A 415 -19.03 -1.14 0.89
CA LYS A 415 -20.19 -0.59 0.23
C LYS A 415 -20.76 0.67 0.94
N LEU A 416 -19.88 1.58 1.39
CA LEU A 416 -20.32 2.80 2.07
C LEU A 416 -19.33 3.98 1.91
C1 GLA B . 5.17 -1.86 -2.34
C2 GLA B . 4.52 -3.21 -2.56
C3 GLA B . 4.11 -3.88 -1.28
C4 GLA B . 5.36 -4.11 -0.48
C5 GLA B . 5.99 -2.73 -0.23
C6 GLA B . 7.30 -2.77 0.54
O1 GLA B . 4.16 -1.06 -1.73
O2 GLA B . 3.37 -3.13 -3.36
O3 GLA B . 3.56 -5.16 -1.59
O4 GLA B . 6.21 -5.06 -1.13
O5 GLA B . 6.27 -2.00 -1.44
O6 GLA B . 7.00 -3.15 1.90
P PO4 C . 2.81 1.81 -3.19
O1 PO4 C . 3.42 1.25 -4.42
O2 PO4 C . 1.83 0.79 -2.78
O3 PO4 C . 2.00 2.98 -3.61
O4 PO4 C . 3.89 2.08 -2.15
#